data_8DMB
#
_entry.id   8DMB
#
_cell.length_a   1.00
_cell.length_b   1.00
_cell.length_c   1.00
_cell.angle_alpha   90.00
_cell.angle_beta   90.00
_cell.angle_gamma   90.00
#
_symmetry.space_group_name_H-M   'P 1'
#
loop_
_entity.id
_entity.type
_entity.pdbx_description
1 polymer 'Ubiquitin-like protein SMT3,IsrB protein,monomeric superfolder Green Fluorescent Protein'
2 polymer 'omega RNA'
3 polymer 'target DNA'
4 polymer 'non-target DNA'
5 non-polymer 'MAGNESIUM ION'
#
loop_
_entity_poly.entity_id
_entity_poly.type
_entity_poly.pdbx_seq_one_letter_code
_entity_poly.pdbx_strand_id
1 'polypeptide(L)'
;MGSSHHHHHHSSGLVPRGSHMASWSHPQFEKGGGSGGGSGGSAWSHPQFEKMSDSEVNQEAKPEVKPEVKPETHINLKVS
DGSSEIFFKIKKTTPLRRLMEAFAKRQGKEMDSLRFLYDGIRIQADQTPEDLDMEDNDIIEAHREQIGGSMSTSITRVPV
VGVDGRPLMPTTPRKARLLIRDGLAVPRRNKLGLFYIQMLRPVGTRTQPVALAVDPGAKYDGVAVASHRRVELRAMVFLP
DDVPRKMETRRNLRRARRYRKTPRRPARFDNRRRKGYWLAPTQRFKVEARLKVVRELCRIYPVQLIVTEDVRFNHARDRN
GKYFSTVEIGKTLTYREYRKLAELRLVEVSETDAWRERFGLEKRTERKCEQVPETHANDAAAMLMGVTGCAHNPAAPFFV
WRRLRYARRSLFRQNPQKDGVRPRFGGTANGGFFRKGDWVEAEKAGKVYRGWVCGLPTETTKLVGVADADGKRIGQFSPK
KVRLLARSTGFSWKEVAAHSSPEVSKGEELFTGVVPILVELDGDVNGHKFSVRGEGEGDATNGKLTLKFICTTGKLPVPW
PTLVTTLTYGVQCFSRYPDHMKQHDFFKSAMPEGYVQERTISFKDDGTYKTRAEVKFEGDTLVNRIELKGIDFKEDGNIL
GHKLEYNFNSHNVYITADKQKNGIKANFKIRHNVEDGSVQLADHYQQNTPIGDGPVLLPDNHYLSTQSKLSKDPNEKRDH
MVLLEFVTAAGITLGMDELYK
;
P
2 'polyribonucleotide'
;GGGCCUUAUUAAAUGACUUCUCGUCAACCACCCCUGACUGAAGUCAGAGGCUUGCUUCUGGCCUGAGUUGGGGGCCCGGU
UUGGCGGGGCCGGGGGCAACUGGCUGACCAGGCGGCCCGGUUCGCCGGGCAGGGGUCCGCGGGGCUACCAAGGACUUCCG
GGUGUUUCGCCAGCCCGGACUAUCUCCGGCAGAACCGCUCAAUGCCGCGGCCGGCCAAGACCGGCCUAAGCCCUGCGGAC
AGCGCCGAGGCGACAAUCACUCCGAAAGGAGGCCGUGUAUCGGC
;
W
3 'polydeoxyribonucleotide'
;(DG)(DA)(DT)(DC)(DA)(DG)(DC)(DT)(DC)(DA)(DA)(DG)(DA)(DG)(DA)(DA)(DG)(DT)(DC)(DA)
(DT)(DT)(DT)(DA)(DA)(DT)(DA)(DA)(DG)(DG)(DC)
;
X
4 'polydeoxyribonucleotide' (DT)(DT)(DG)(DA)(DG)(DC)(DT)(DG)(DA)(DT) Y
#
loop_
_chem_comp.id
_chem_comp.type
_chem_comp.name
_chem_comp.formula
A RNA linking ADENOSINE-5'-MONOPHOSPHATE 'C10 H14 N5 O7 P'
C RNA linking CYTIDINE-5'-MONOPHOSPHATE 'C9 H14 N3 O8 P'
DA DNA linking 2'-DEOXYADENOSINE-5'-MONOPHOSPHATE 'C10 H14 N5 O6 P'
DC DNA linking 2'-DEOXYCYTIDINE-5'-MONOPHOSPHATE 'C9 H14 N3 O7 P'
DG DNA linking 2'-DEOXYGUANOSINE-5'-MONOPHOSPHATE 'C10 H14 N5 O7 P'
DT DNA linking THYMIDINE-5'-MONOPHOSPHATE 'C10 H15 N2 O8 P'
G RNA linking GUANOSINE-5'-MONOPHOSPHATE 'C10 H14 N5 O8 P'
MG non-polymer 'MAGNESIUM ION' 'Mg 2'
U RNA linking URIDINE-5'-MONOPHOSPHATE 'C9 H13 N2 O9 P'
#
# COMPACT_ATOMS: atom_id res chain seq x y z
N THR A 156 -2.13 -20.99 -12.10
CA THR A 156 -2.50 -20.19 -10.90
C THR A 156 -2.25 -21.01 -9.64
N ARG A 157 -1.83 -20.33 -8.57
CA ARG A 157 -1.58 -20.94 -7.28
C ARG A 157 -2.30 -20.15 -6.20
N VAL A 158 -2.68 -20.84 -5.13
CA VAL A 158 -3.37 -20.26 -3.98
C VAL A 158 -2.41 -20.33 -2.78
N PRO A 159 -2.05 -19.21 -2.14
CA PRO A 159 -1.24 -19.30 -0.92
C PRO A 159 -1.99 -19.99 0.21
N VAL A 160 -1.22 -20.65 1.09
CA VAL A 160 -1.75 -21.42 2.21
C VAL A 160 -1.00 -20.99 3.48
N VAL A 161 -1.75 -20.82 4.57
CA VAL A 161 -1.22 -20.41 5.87
C VAL A 161 -1.59 -21.46 6.90
N GLY A 162 -0.61 -21.86 7.71
CA GLY A 162 -0.80 -22.94 8.66
C GLY A 162 -1.52 -22.52 9.92
N VAL A 163 -1.93 -23.53 10.71
CA VAL A 163 -2.64 -23.30 11.97
C VAL A 163 -1.78 -22.50 12.95
N ASP A 164 -0.45 -22.60 12.84
CA ASP A 164 0.45 -21.83 13.68
C ASP A 164 0.73 -20.42 13.16
N GLY A 165 0.25 -20.08 11.97
CA GLY A 165 0.48 -18.78 11.36
C GLY A 165 1.61 -18.74 10.35
N ARG A 166 2.34 -19.84 10.16
CA ARG A 166 3.34 -19.87 9.11
C ARG A 166 2.66 -19.90 7.74
N PRO A 167 3.24 -19.28 6.71
CA PRO A 167 2.85 -19.66 5.34
C PRO A 167 3.36 -21.05 4.99
N LEU A 168 2.52 -21.80 4.27
CA LEU A 168 2.94 -23.04 3.63
C LEU A 168 3.33 -22.73 2.18
N MET A 169 3.64 -23.78 1.41
CA MET A 169 3.83 -23.61 -0.02
C MET A 169 2.48 -23.44 -0.70
N PRO A 170 2.38 -22.61 -1.76
CA PRO A 170 1.08 -22.45 -2.45
C PRO A 170 0.57 -23.76 -3.06
N THR A 171 -0.75 -23.92 -3.00
CA THR A 171 -1.47 -25.06 -3.57
C THR A 171 -2.24 -24.62 -4.82
N THR A 172 -2.96 -25.56 -5.43
CA THR A 172 -3.70 -25.32 -6.66
C THR A 172 -5.12 -24.82 -6.35
N PRO A 173 -5.82 -24.26 -7.34
CA PRO A 173 -7.23 -23.88 -7.11
C PRO A 173 -8.13 -25.06 -6.79
N ARG A 174 -7.85 -26.24 -7.32
CA ARG A 174 -8.68 -27.41 -7.05
C ARG A 174 -8.56 -27.84 -5.59
N LYS A 175 -7.33 -27.94 -5.09
CA LYS A 175 -7.12 -28.22 -3.68
C LYS A 175 -7.74 -27.15 -2.81
N ALA A 176 -7.61 -25.88 -3.19
CA ALA A 176 -8.29 -24.80 -2.47
C ALA A 176 -9.80 -25.04 -2.36
N ARG A 177 -10.45 -25.32 -3.49
CA ARG A 177 -11.87 -25.65 -3.51
C ARG A 177 -12.21 -26.80 -2.57
N LEU A 178 -11.50 -27.92 -2.71
CA LEU A 178 -11.87 -29.09 -1.91
C LEU A 178 -11.54 -28.92 -0.43
N LEU A 179 -10.45 -28.23 -0.09
CA LEU A 179 -10.16 -27.94 1.31
C LEU A 179 -11.23 -27.04 1.92
N ILE A 180 -11.78 -26.09 1.15
CA ILE A 180 -12.87 -25.29 1.68
C ILE A 180 -14.13 -26.14 1.83
N ARG A 181 -14.48 -26.89 0.78
CA ARG A 181 -15.69 -27.71 0.78
C ARG A 181 -15.71 -28.70 1.94
N ASP A 182 -14.61 -29.43 2.13
CA ASP A 182 -14.52 -30.41 3.20
C ASP A 182 -14.34 -29.80 4.59
N GLY A 183 -14.26 -28.47 4.69
CA GLY A 183 -14.17 -27.83 5.99
C GLY A 183 -12.81 -27.93 6.65
N LEU A 184 -11.78 -28.34 5.91
CA LEU A 184 -10.43 -28.43 6.47
C LEU A 184 -9.70 -27.09 6.50
N ALA A 185 -10.16 -26.09 5.74
CA ALA A 185 -9.50 -24.79 5.73
C ALA A 185 -10.51 -23.69 5.41
N VAL A 186 -10.18 -22.48 5.85
CA VAL A 186 -11.06 -21.32 5.75
C VAL A 186 -10.53 -20.40 4.63
N PRO A 187 -11.37 -19.93 3.70
CA PRO A 187 -10.90 -18.93 2.73
C PRO A 187 -10.73 -17.55 3.35
N ARG A 188 -9.73 -16.81 2.87
CA ARG A 188 -9.31 -15.55 3.47
C ARG A 188 -8.83 -14.61 2.37
N ARG A 189 -8.85 -13.31 2.67
CA ARG A 189 -8.20 -12.28 1.88
C ARG A 189 -7.20 -11.50 2.72
N ASN A 190 -6.04 -11.22 2.12
CA ASN A 190 -5.01 -10.38 2.73
C ASN A 190 -5.46 -8.91 2.75
N LYS A 191 -4.67 -8.09 3.45
CA LYS A 191 -4.94 -6.65 3.48
C LYS A 191 -4.79 -6.02 2.11
N LEU A 192 -3.93 -6.59 1.26
CA LEU A 192 -3.83 -6.22 -0.14
C LEU A 192 -4.90 -6.87 -1.02
N GLY A 193 -5.87 -7.57 -0.42
CA GLY A 193 -6.91 -8.22 -1.17
C GLY A 193 -6.54 -9.55 -1.80
N LEU A 194 -5.29 -9.98 -1.69
CA LEU A 194 -4.88 -11.25 -2.24
C LEU A 194 -5.60 -12.39 -1.53
N PHE A 195 -6.22 -13.28 -2.31
CA PHE A 195 -6.93 -14.41 -1.75
C PHE A 195 -5.93 -15.46 -1.25
N TYR A 196 -6.21 -15.99 -0.06
CA TYR A 196 -5.43 -17.10 0.49
C TYR A 196 -6.33 -17.94 1.38
N ILE A 197 -5.81 -19.09 1.78
CA ILE A 197 -6.52 -20.07 2.61
C ILE A 197 -5.71 -20.30 3.88
N GLN A 198 -6.39 -20.29 5.03
CA GLN A 198 -5.80 -20.70 6.31
C GLN A 198 -6.29 -22.10 6.70
N MET A 199 -5.33 -22.98 6.99
CA MET A 199 -5.64 -24.35 7.40
C MET A 199 -6.32 -24.39 8.77
N LEU A 200 -7.13 -25.44 8.96
CA LEU A 200 -7.67 -25.83 10.26
C LEU A 200 -7.13 -27.17 10.73
N ARG A 201 -5.96 -27.59 10.21
CA ARG A 201 -5.31 -28.84 10.60
C ARG A 201 -3.81 -28.62 10.58
N PRO A 202 -3.04 -29.34 11.41
CA PRO A 202 -1.61 -29.49 11.12
C PRO A 202 -1.38 -30.29 9.85
N VAL A 203 -0.40 -29.83 9.07
CA VAL A 203 0.05 -30.51 7.85
C VAL A 203 1.56 -30.36 7.75
N GLY A 204 2.14 -31.10 6.82
CA GLY A 204 3.59 -31.01 6.59
C GLY A 204 4.03 -29.60 6.29
N THR A 205 5.18 -29.23 6.86
CA THR A 205 5.68 -27.86 6.83
C THR A 205 6.85 -27.65 5.87
N ARG A 206 7.29 -28.71 5.17
CA ARG A 206 8.39 -28.56 4.21
C ARG A 206 8.01 -27.65 3.06
N THR A 207 8.89 -26.69 2.76
CA THR A 207 8.69 -25.71 1.71
C THR A 207 10.00 -25.55 0.94
N GLN A 208 9.89 -25.01 -0.29
CA GLN A 208 11.04 -24.72 -1.14
C GLN A 208 11.43 -23.24 -1.02
N PRO A 209 12.53 -22.80 -1.63
CA PRO A 209 12.88 -21.37 -1.57
C PRO A 209 11.88 -20.49 -2.31
N VAL A 210 11.58 -19.34 -1.70
CA VAL A 210 10.79 -18.28 -2.32
C VAL A 210 11.49 -16.95 -2.01
N ALA A 211 11.57 -16.08 -3.02
CA ALA A 211 12.19 -14.77 -2.90
C ALA A 211 11.24 -13.65 -3.31
N LEU A 212 11.41 -12.50 -2.66
CA LEU A 212 10.66 -11.27 -2.92
C LEU A 212 11.63 -10.21 -3.41
N ALA A 213 11.18 -9.39 -4.38
CA ALA A 213 11.95 -8.24 -4.84
C ALA A 213 11.12 -6.96 -4.83
N VAL A 214 11.74 -5.88 -4.35
CA VAL A 214 11.14 -4.55 -4.27
C VAL A 214 12.09 -3.57 -4.94
N ASP A 215 11.61 -2.92 -6.01
CA ASP A 215 12.39 -1.92 -6.74
C ASP A 215 11.75 -0.55 -6.52
N PRO A 216 12.19 0.23 -5.53
CA PRO A 216 11.42 1.43 -5.17
C PRO A 216 11.59 2.56 -6.16
N GLY A 217 10.48 3.26 -6.41
CA GLY A 217 10.47 4.50 -7.15
C GLY A 217 9.96 5.65 -6.28
N ALA A 218 9.90 6.83 -6.90
CA ALA A 218 9.34 7.98 -6.22
C ALA A 218 7.81 7.97 -6.23
N LYS A 219 7.22 7.91 -7.43
CA LYS A 219 5.77 7.89 -7.54
C LYS A 219 5.20 6.48 -7.33
N TYR A 220 5.80 5.46 -7.96
CA TYR A 220 5.34 4.09 -7.79
C TYR A 220 6.51 3.12 -7.78
N ASP A 221 6.27 1.97 -7.16
CA ASP A 221 7.22 0.87 -7.02
C ASP A 221 6.80 -0.31 -7.88
N GLY A 222 7.79 -1.13 -8.23
CA GLY A 222 7.55 -2.50 -8.67
C GLY A 222 7.80 -3.49 -7.54
N VAL A 223 6.96 -4.54 -7.51
CA VAL A 223 7.14 -5.67 -6.60
C VAL A 223 6.96 -6.95 -7.41
N ALA A 224 7.75 -7.98 -7.09
CA ALA A 224 7.55 -9.32 -7.63
C ALA A 224 7.91 -10.36 -6.59
N VAL A 225 7.25 -11.51 -6.68
CA VAL A 225 7.55 -12.69 -5.87
C VAL A 225 7.88 -13.84 -6.81
N ALA A 226 8.91 -14.61 -6.48
CA ALA A 226 9.33 -15.75 -7.27
C ALA A 226 9.59 -16.96 -6.38
N SER A 227 9.16 -18.12 -6.86
CA SER A 227 9.64 -19.40 -6.39
C SER A 227 11.01 -19.69 -6.98
N HIS A 228 11.67 -20.74 -6.47
CA HIS A 228 12.92 -21.19 -7.06
C HIS A 228 12.81 -21.54 -8.53
N ARG A 229 11.62 -21.86 -9.03
CA ARG A 229 11.41 -22.22 -10.43
C ARG A 229 11.04 -21.02 -11.31
N ARG A 230 10.15 -20.14 -10.83
CA ARG A 230 9.57 -19.11 -11.69
C ARG A 230 9.10 -17.93 -10.84
N VAL A 231 8.85 -16.82 -11.54
CA VAL A 231 8.12 -15.70 -10.96
C VAL A 231 6.66 -16.09 -10.73
N GLU A 232 6.20 -15.93 -9.50
CA GLU A 232 4.82 -16.25 -9.12
C GLU A 232 3.89 -15.07 -9.17
N LEU A 233 4.40 -13.85 -8.99
CA LEU A 233 3.56 -12.66 -8.86
C LEU A 233 4.34 -11.45 -9.36
N ARG A 234 3.61 -10.51 -9.98
CA ARG A 234 4.09 -9.15 -10.21
C ARG A 234 3.08 -8.17 -9.64
N ALA A 235 3.57 -7.05 -9.10
CA ALA A 235 2.69 -6.02 -8.57
C ALA A 235 3.29 -4.63 -8.75
N MET A 236 2.41 -3.62 -8.67
CA MET A 236 2.77 -2.21 -8.77
C MET A 236 2.09 -1.46 -7.63
N VAL A 237 2.83 -0.59 -6.94
CA VAL A 237 2.37 0.12 -5.75
C VAL A 237 2.48 1.61 -6.00
N PHE A 238 1.38 2.35 -5.79
CA PHE A 238 1.33 3.80 -5.93
C PHE A 238 1.33 4.52 -4.58
N LEU A 239 2.09 5.61 -4.49
CA LEU A 239 2.17 6.49 -3.32
C LEU A 239 2.00 7.95 -3.75
N PRO A 240 0.77 8.54 -3.65
CA PRO A 240 0.44 9.69 -4.52
C PRO A 240 0.99 11.06 -4.14
N ASP A 241 2.00 11.15 -3.26
CA ASP A 241 2.69 12.42 -2.95
C ASP A 241 1.77 13.48 -2.33
N ASP A 242 0.79 13.08 -1.52
CA ASP A 242 -0.21 14.01 -1.02
C ASP A 242 0.21 14.79 0.22
N VAL A 243 1.13 14.26 1.02
CA VAL A 243 1.43 14.79 2.35
C VAL A 243 2.09 16.17 2.36
N PRO A 244 3.04 16.51 1.46
CA PRO A 244 3.66 17.85 1.55
C PRO A 244 2.70 19.02 1.40
N ARG A 245 1.73 18.93 0.48
CA ARG A 245 0.71 19.97 0.40
C ARG A 245 -0.14 20.02 1.65
N LYS A 246 -0.51 18.87 2.20
CA LYS A 246 -1.32 18.84 3.41
C LYS A 246 -0.60 19.49 4.58
N MET A 247 0.71 19.24 4.71
CA MET A 247 1.48 19.88 5.78
C MET A 247 1.68 21.37 5.51
N GLU A 248 1.84 21.76 4.25
CA GLU A 248 1.96 23.19 3.93
C GLU A 248 0.67 23.95 4.27
N THR A 249 -0.48 23.42 3.85
CA THR A 249 -1.75 24.05 4.20
C THR A 249 -1.98 24.08 5.71
N ARG A 250 -1.65 23.00 6.42
CA ARG A 250 -1.75 23.00 7.87
C ARG A 250 -0.86 24.06 8.50
N ARG A 251 0.36 24.22 7.98
CA ARG A 251 1.27 25.25 8.47
C ARG A 251 0.71 26.64 8.22
N ASN A 252 0.22 26.90 7.01
CA ASN A 252 -0.34 28.22 6.69
C ASN A 252 -1.52 28.55 7.59
N LEU A 253 -2.43 27.58 7.78
CA LEU A 253 -3.59 27.80 8.64
C LEU A 253 -3.18 28.04 10.09
N ARG A 254 -2.18 27.28 10.58
CA ARG A 254 -1.63 27.53 11.90
C ARG A 254 -1.06 28.94 12.01
N ARG A 255 -0.31 29.37 11.01
CA ARG A 255 0.32 30.69 11.05
C ARG A 255 -0.71 31.81 11.09
N ALA A 256 -1.75 31.71 10.25
CA ALA A 256 -2.83 32.69 10.30
C ALA A 256 -3.58 32.67 11.63
N ARG A 257 -3.93 31.46 12.10
CA ARG A 257 -4.61 31.31 13.38
C ARG A 257 -3.83 31.95 14.52
N ARG A 258 -2.54 31.66 14.61
CA ARG A 258 -1.72 32.27 15.67
C ARG A 258 -1.63 33.77 15.51
N TYR A 259 -1.47 34.26 14.28
CA TYR A 259 -1.43 35.70 14.05
C TYR A 259 -2.67 36.40 14.60
N ARG A 260 -3.86 35.91 14.24
CA ARG A 260 -5.09 36.61 14.60
C ARG A 260 -5.71 36.19 15.93
N LYS A 261 -5.18 35.17 16.62
CA LYS A 261 -5.80 34.64 17.84
C LYS A 261 -4.92 34.61 19.08
N THR A 262 -3.62 34.92 19.00
CA THR A 262 -2.69 34.80 20.12
C THR A 262 -1.94 36.11 20.35
N PRO A 263 -1.52 36.41 21.60
CA PRO A 263 -0.60 37.52 21.79
C PRO A 263 0.76 37.28 21.15
N ARG A 264 1.60 38.31 21.18
CA ARG A 264 2.99 38.14 20.80
C ARG A 264 3.67 37.08 21.68
N ARG A 265 4.45 36.21 21.04
CA ARG A 265 5.04 35.04 21.65
C ARG A 265 6.54 34.98 21.42
N PRO A 266 7.31 34.41 22.35
CA PRO A 266 8.77 34.33 22.15
C PRO A 266 9.15 33.43 20.98
N ALA A 267 10.19 33.84 20.25
CA ALA A 267 10.78 32.98 19.22
C ALA A 267 11.77 32.03 19.88
N ARG A 268 11.57 30.72 19.66
CA ARG A 268 12.32 29.66 20.34
C ARG A 268 12.71 28.61 19.30
N PHE A 269 13.92 28.74 18.74
CA PHE A 269 14.42 27.86 17.68
C PHE A 269 15.83 27.33 17.92
N ASP A 270 16.51 27.75 19.00
CA ASP A 270 17.93 27.45 19.15
C ASP A 270 18.22 26.01 19.53
N ASN A 271 17.30 25.33 20.23
CA ASN A 271 17.63 24.12 20.97
C ASN A 271 16.51 23.08 20.88
N ARG A 272 15.81 23.01 19.76
CA ARG A 272 14.71 22.07 19.56
C ARG A 272 15.25 20.68 19.17
N ARG A 273 15.95 20.07 20.12
CA ARG A 273 16.62 18.80 19.87
C ARG A 273 15.61 17.71 19.53
N ARG A 274 15.98 16.82 18.61
CA ARG A 274 15.21 15.65 18.24
C ARG A 274 15.84 14.38 18.82
N LYS A 275 15.03 13.56 19.47
CA LYS A 275 15.48 12.41 20.23
C LYS A 275 15.25 11.14 19.43
N GLY A 276 16.32 10.36 19.22
CA GLY A 276 16.28 9.21 18.35
C GLY A 276 16.15 9.54 16.86
N TYR A 277 15.98 8.46 16.10
CA TYR A 277 15.85 8.55 14.65
C TYR A 277 14.63 9.36 14.27
N TRP A 278 14.78 10.23 13.26
CA TRP A 278 13.72 11.14 12.82
C TRP A 278 13.50 10.99 11.32
N LEU A 279 12.23 11.08 10.91
CA LEU A 279 11.87 11.23 9.50
C LEU A 279 10.73 12.24 9.37
N ALA A 280 10.76 12.99 8.28
CA ALA A 280 9.66 13.90 7.98
C ALA A 280 8.38 13.08 7.72
N PRO A 281 7.17 13.63 8.09
CA PRO A 281 5.91 12.92 7.80
C PRO A 281 5.73 12.33 6.40
N THR A 282 6.21 13.00 5.35
CA THR A 282 6.13 12.42 4.02
C THR A 282 6.99 11.16 3.90
N GLN A 283 8.18 11.17 4.50
CA GLN A 283 9.05 10.02 4.38
C GLN A 283 8.61 8.90 5.30
N ARG A 284 8.11 9.24 6.50
CA ARG A 284 7.46 8.26 7.34
C ARG A 284 6.28 7.60 6.63
N PHE A 285 5.45 8.41 5.95
CA PHE A 285 4.33 7.90 5.16
C PHE A 285 4.78 6.90 4.10
N LYS A 286 5.83 7.24 3.34
CA LYS A 286 6.22 6.34 2.25
C LYS A 286 6.95 5.09 2.74
N VAL A 287 7.78 5.23 3.77
CA VAL A 287 8.42 4.06 4.36
C VAL A 287 7.38 3.13 4.97
N GLU A 288 6.43 3.66 5.72
CA GLU A 288 5.42 2.82 6.37
C GLU A 288 4.54 2.13 5.34
N ALA A 289 4.18 2.82 4.24
CA ALA A 289 3.43 2.15 3.18
C ALA A 289 4.22 1.00 2.55
N ARG A 290 5.48 1.24 2.19
CA ARG A 290 6.26 0.19 1.55
C ARG A 290 6.53 -0.99 2.48
N LEU A 291 6.77 -0.70 3.76
CA LEU A 291 6.92 -1.74 4.76
C LEU A 291 5.64 -2.56 4.90
N LYS A 292 4.48 -1.89 4.95
CA LYS A 292 3.24 -2.65 5.06
C LYS A 292 3.03 -3.57 3.87
N VAL A 293 3.29 -3.09 2.65
CA VAL A 293 3.20 -3.95 1.47
C VAL A 293 4.09 -5.18 1.61
N VAL A 294 5.35 -4.97 1.98
CA VAL A 294 6.28 -6.10 2.09
C VAL A 294 5.83 -7.05 3.21
N ARG A 295 5.47 -6.49 4.36
CA ARG A 295 5.09 -7.28 5.52
C ARG A 295 3.83 -8.11 5.27
N GLU A 296 2.88 -7.57 4.52
CA GLU A 296 1.70 -8.35 4.14
C GLU A 296 1.96 -9.36 3.03
N LEU A 297 2.99 -9.16 2.19
CA LEU A 297 3.35 -10.24 1.26
C LEU A 297 4.05 -11.39 1.98
N CYS A 298 5.01 -11.08 2.86
CA CYS A 298 5.67 -12.09 3.68
C CYS A 298 4.74 -12.81 4.64
N ARG A 299 3.51 -12.33 4.84
CA ARG A 299 2.54 -13.00 5.70
C ARG A 299 2.00 -14.29 5.08
N ILE A 300 1.83 -14.33 3.76
CA ILE A 300 1.15 -15.42 3.09
C ILE A 300 2.06 -16.24 2.17
N TYR A 301 3.22 -15.71 1.75
CA TYR A 301 4.23 -16.45 1.00
C TYR A 301 5.43 -16.78 1.89
N PRO A 302 6.09 -17.98 1.71
CA PRO A 302 7.27 -18.34 2.52
C PRO A 302 8.56 -17.65 2.06
N VAL A 303 8.51 -16.30 2.00
CA VAL A 303 9.66 -15.51 1.55
C VAL A 303 10.86 -15.77 2.44
N GLN A 304 11.99 -16.10 1.81
CA GLN A 304 13.26 -16.30 2.48
C GLN A 304 14.31 -15.25 2.14
N LEU A 305 14.15 -14.54 1.01
CA LEU A 305 15.13 -13.58 0.53
C LEU A 305 14.41 -12.33 0.03
N ILE A 306 14.91 -11.16 0.42
CA ILE A 306 14.45 -9.87 -0.09
C ILE A 306 15.56 -9.27 -0.96
N VAL A 307 15.19 -8.79 -2.15
CA VAL A 307 16.10 -8.21 -3.13
C VAL A 307 15.64 -6.77 -3.39
N THR A 308 16.56 -5.80 -3.24
CA THR A 308 16.20 -4.40 -3.50
C THR A 308 17.41 -3.64 -4.05
N GLU A 309 17.14 -2.76 -5.02
CA GLU A 309 18.17 -1.88 -5.55
C GLU A 309 18.52 -0.77 -4.56
N ASP A 310 19.81 -0.53 -4.37
CA ASP A 310 20.32 0.46 -3.41
C ASP A 310 20.58 1.79 -4.13
N VAL A 311 19.51 2.59 -4.26
CA VAL A 311 19.56 3.84 -5.00
C VAL A 311 20.60 4.80 -4.43
N ARG A 312 21.33 5.46 -5.34
CA ARG A 312 22.41 6.39 -5.01
C ARG A 312 22.36 7.56 -5.99
N PHE A 313 22.68 8.76 -5.51
CA PHE A 313 22.78 9.92 -6.38
C PHE A 313 23.82 10.91 -5.85
N ASN A 314 24.56 11.52 -6.78
CA ASN A 314 25.64 12.46 -6.47
C ASN A 314 25.09 13.89 -6.35
N HIS A 315 24.43 14.15 -5.21
CA HIS A 315 23.84 15.46 -4.97
C HIS A 315 24.88 16.59 -5.00
N ALA A 316 26.10 16.33 -4.56
CA ALA A 316 27.15 17.33 -4.57
C ALA A 316 27.52 17.82 -5.97
N ARG A 317 27.18 17.07 -7.02
CA ARG A 317 27.50 17.42 -8.40
C ARG A 317 26.29 17.70 -9.28
N ASP A 318 25.07 17.52 -8.79
CA ASP A 318 23.88 17.88 -9.56
C ASP A 318 22.75 18.25 -8.62
N ARG A 319 22.22 19.47 -8.79
CA ARG A 319 21.24 20.06 -7.88
C ARG A 319 19.82 19.51 -8.06
N ASN A 320 19.52 18.88 -9.20
CA ASN A 320 18.15 18.53 -9.58
C ASN A 320 17.58 17.31 -8.85
N GLY A 321 18.32 16.68 -7.96
CA GLY A 321 18.08 15.30 -7.54
C GLY A 321 16.88 14.98 -6.66
N LYS A 322 15.79 15.77 -6.72
CA LYS A 322 14.63 15.57 -5.86
C LYS A 322 14.10 14.14 -5.86
N TYR A 323 13.84 13.58 -7.04
CA TYR A 323 13.25 12.24 -7.12
C TYR A 323 14.20 11.10 -6.73
N PHE A 324 15.41 11.39 -6.28
CA PHE A 324 16.26 10.44 -5.57
C PHE A 324 16.24 10.66 -4.05
N SER A 325 16.21 11.93 -3.62
CA SER A 325 16.16 12.23 -2.19
C SER A 325 14.94 11.62 -1.50
N THR A 326 13.78 11.64 -2.17
CA THR A 326 12.58 11.09 -1.57
C THR A 326 12.62 9.58 -1.36
N VAL A 327 13.56 8.87 -2.01
CA VAL A 327 13.70 7.44 -1.84
C VAL A 327 14.96 7.06 -1.06
N GLU A 328 16.03 7.86 -1.16
CA GLU A 328 17.20 7.66 -0.31
C GLU A 328 16.86 7.84 1.16
N ILE A 329 16.12 8.90 1.48
CA ILE A 329 15.84 9.23 2.88
C ILE A 329 14.90 8.20 3.47
N GLY A 330 15.29 7.64 4.62
CA GLY A 330 14.55 6.59 5.29
C GLY A 330 14.99 5.17 4.96
N LYS A 331 16.02 5.00 4.15
CA LYS A 331 16.43 3.66 3.73
C LYS A 331 16.95 2.83 4.90
N THR A 332 17.61 3.44 5.89
CA THR A 332 18.14 2.65 6.99
C THR A 332 17.04 2.03 7.83
N LEU A 333 15.95 2.77 8.09
CA LEU A 333 14.80 2.19 8.78
C LEU A 333 14.17 1.07 7.96
N THR A 334 14.05 1.26 6.65
CA THR A 334 13.51 0.22 5.76
C THR A 334 14.36 -1.04 5.85
N TYR A 335 15.67 -0.91 5.66
CA TYR A 335 16.57 -2.07 5.68
C TYR A 335 16.57 -2.76 7.04
N ARG A 336 16.54 -1.98 8.13
CA ARG A 336 16.38 -2.54 9.47
C ARG A 336 15.11 -3.39 9.56
N GLU A 337 13.99 -2.85 9.08
CA GLU A 337 12.73 -3.57 9.17
C GLU A 337 12.66 -4.76 8.20
N TYR A 338 13.28 -4.63 7.01
CA TYR A 338 13.34 -5.76 6.09
C TYR A 338 14.06 -6.97 6.70
N ARG A 339 15.23 -6.76 7.31
CA ARG A 339 16.01 -7.88 7.81
C ARG A 339 15.31 -8.67 8.92
N LYS A 340 14.33 -8.08 9.60
CA LYS A 340 13.53 -8.84 10.54
C LYS A 340 12.65 -9.86 9.83
N LEU A 341 12.25 -9.57 8.58
CA LEU A 341 11.36 -10.47 7.84
C LEU A 341 12.15 -11.58 7.15
N ALA A 342 13.24 -11.23 6.48
CA ALA A 342 14.00 -12.21 5.70
C ALA A 342 15.40 -11.66 5.45
N GLU A 343 16.29 -12.55 4.98
CA GLU A 343 17.63 -12.12 4.59
C GLU A 343 17.55 -11.14 3.42
N LEU A 344 18.38 -10.10 3.46
CA LEU A 344 18.38 -9.01 2.49
C LEU A 344 19.60 -9.11 1.59
N ARG A 345 19.37 -8.99 0.28
CA ARG A 345 20.43 -8.80 -0.72
C ARG A 345 20.19 -7.44 -1.39
N LEU A 346 21.10 -6.50 -1.15
CA LEU A 346 21.09 -5.23 -1.88
C LEU A 346 21.74 -5.39 -3.25
N VAL A 347 21.27 -4.58 -4.21
CA VAL A 347 21.63 -4.67 -5.62
C VAL A 347 22.02 -3.29 -6.12
N GLU A 348 23.08 -3.23 -6.92
CA GLU A 348 23.48 -1.96 -7.53
C GLU A 348 22.57 -1.62 -8.71
N VAL A 349 22.52 -0.33 -9.04
CA VAL A 349 21.75 0.13 -10.20
C VAL A 349 22.34 -0.45 -11.49
N SER A 350 23.68 -0.49 -11.57
CA SER A 350 24.33 -1.12 -12.72
C SER A 350 23.98 -2.58 -12.86
N GLU A 351 23.94 -3.32 -11.75
CA GLU A 351 23.52 -4.72 -11.80
C GLU A 351 22.08 -4.87 -12.27
N THR A 352 21.20 -3.95 -11.84
CA THR A 352 19.82 -3.94 -12.34
C THR A 352 19.79 -3.73 -13.84
N ASP A 353 20.56 -2.76 -14.34
CA ASP A 353 20.63 -2.51 -15.77
C ASP A 353 21.13 -3.74 -16.53
N ALA A 354 22.22 -4.35 -16.04
CA ALA A 354 22.79 -5.52 -16.69
C ALA A 354 21.80 -6.68 -16.76
N TRP A 355 21.11 -6.95 -15.63
CA TRP A 355 20.13 -8.03 -15.63
C TRP A 355 18.92 -7.71 -16.52
N ARG A 356 18.47 -6.45 -16.53
CA ARG A 356 17.38 -6.06 -17.42
C ARG A 356 17.76 -6.27 -18.88
N GLU A 357 18.96 -5.86 -19.27
CA GLU A 357 19.41 -6.05 -20.65
C GLU A 357 19.63 -7.53 -20.97
N ARG A 358 20.08 -8.32 -20.00
CA ARG A 358 20.25 -9.75 -20.22
C ARG A 358 18.91 -10.43 -20.51
N PHE A 359 17.92 -10.22 -19.65
CA PHE A 359 16.65 -10.94 -19.74
C PHE A 359 15.62 -10.24 -20.61
N GLY A 360 15.75 -8.94 -20.82
CA GLY A 360 14.83 -8.22 -21.69
C GLY A 360 13.47 -8.01 -21.06
N THR A 375 6.22 -1.76 -17.53
CA THR A 375 5.81 -1.73 -16.14
C THR A 375 6.95 -2.20 -15.24
N HIS A 376 7.30 -1.36 -14.25
CA HIS A 376 8.55 -1.55 -13.50
C HIS A 376 8.53 -2.79 -12.61
N ALA A 377 7.38 -3.44 -12.45
CA ALA A 377 7.35 -4.80 -11.91
C ALA A 377 8.21 -5.75 -12.74
N ASN A 378 8.31 -5.50 -14.05
CA ASN A 378 9.22 -6.29 -14.88
C ASN A 378 10.66 -6.10 -14.43
N ASP A 379 11.04 -4.88 -14.07
CA ASP A 379 12.38 -4.65 -13.55
C ASP A 379 12.62 -5.35 -12.22
N ALA A 380 11.65 -5.29 -11.28
CA ALA A 380 11.77 -6.07 -10.05
C ALA A 380 11.87 -7.57 -10.34
N ALA A 381 11.11 -8.05 -11.33
CA ALA A 381 11.21 -9.44 -11.75
C ALA A 381 12.59 -9.75 -12.31
N ALA A 382 13.18 -8.81 -13.05
CA ALA A 382 14.53 -9.00 -13.54
C ALA A 382 15.55 -9.06 -12.41
N MET A 383 15.32 -8.32 -11.32
CA MET A 383 16.18 -8.50 -10.15
C MET A 383 16.03 -9.89 -9.54
N LEU A 384 14.81 -10.45 -9.56
CA LEU A 384 14.65 -11.83 -9.12
C LEU A 384 15.37 -12.81 -10.04
N MET A 385 15.13 -12.70 -11.34
CA MET A 385 15.80 -13.58 -12.32
C MET A 385 17.31 -13.48 -12.23
N GLY A 386 17.84 -12.31 -11.89
CA GLY A 386 19.24 -12.17 -11.56
C GLY A 386 19.69 -12.92 -10.33
N VAL A 387 19.15 -12.56 -9.16
CA VAL A 387 19.67 -13.11 -7.90
C VAL A 387 19.42 -14.62 -7.83
N THR A 388 18.24 -15.07 -8.26
CA THR A 388 17.77 -16.43 -8.00
C THR A 388 17.61 -17.28 -9.26
N GLY A 389 17.79 -16.72 -10.45
CA GLY A 389 17.84 -17.52 -11.66
C GLY A 389 16.53 -18.12 -12.10
N CYS A 390 15.41 -17.76 -11.46
CA CYS A 390 14.11 -18.29 -11.84
C CYS A 390 13.76 -17.91 -13.28
N ALA A 391 12.88 -18.71 -13.88
CA ALA A 391 12.35 -18.41 -15.20
C ALA A 391 11.40 -17.22 -15.16
N HIS A 392 11.40 -16.46 -16.26
CA HIS A 392 10.34 -15.48 -16.48
C HIS A 392 8.99 -16.19 -16.63
N ASN A 393 7.93 -15.52 -16.21
CA ASN A 393 6.56 -16.05 -16.27
C ASN A 393 5.63 -14.95 -16.79
N PRO A 394 5.46 -14.85 -18.12
CA PRO A 394 4.54 -13.80 -18.63
C PRO A 394 3.09 -14.00 -18.22
N ALA A 395 2.67 -15.23 -17.95
CA ALA A 395 1.31 -15.52 -17.49
C ALA A 395 1.07 -15.19 -16.02
N ALA A 396 2.09 -14.80 -15.27
CA ALA A 396 1.91 -14.45 -13.86
C ALA A 396 0.93 -13.29 -13.72
N PRO A 397 0.03 -13.31 -12.72
CA PRO A 397 -0.93 -12.21 -12.59
C PRO A 397 -0.26 -10.90 -12.16
N PHE A 398 -0.80 -9.80 -12.65
CA PHE A 398 -0.30 -8.44 -12.37
C PHE A 398 -1.35 -7.67 -11.58
N PHE A 399 -0.95 -7.14 -10.43
CA PHE A 399 -1.83 -6.42 -9.50
C PHE A 399 -1.38 -4.97 -9.33
N VAL A 400 -2.34 -4.07 -9.16
CA VAL A 400 -2.09 -2.67 -8.81
C VAL A 400 -2.68 -2.40 -7.44
N TRP A 401 -1.88 -1.81 -6.54
CA TRP A 401 -2.29 -1.42 -5.20
C TRP A 401 -1.95 0.05 -4.99
N ARG A 402 -2.83 0.80 -4.32
CA ARG A 402 -2.48 2.15 -3.89
C ARG A 402 -3.01 2.43 -2.48
N ARG A 403 -2.20 3.16 -1.72
CA ARG A 403 -2.60 3.65 -0.39
C ARG A 403 -3.77 4.61 -0.53
N LEU A 404 -4.86 4.32 0.19
CA LEU A 404 -6.01 5.21 0.23
C LEU A 404 -5.66 6.52 0.93
N ARG A 405 -6.15 7.63 0.36
CA ARG A 405 -5.90 8.98 0.88
C ARG A 405 -7.24 9.67 1.12
N TYR A 406 -7.39 10.28 2.30
CA TYR A 406 -8.64 10.95 2.68
C TYR A 406 -8.32 12.22 3.45
N ALA A 407 -9.32 13.11 3.54
CA ALA A 407 -9.31 14.27 4.42
C ALA A 407 -9.66 13.80 5.83
N ARG A 408 -8.65 13.52 6.63
CA ARG A 408 -8.86 12.77 7.87
C ARG A 408 -9.38 13.64 9.01
N ARG A 409 -8.78 14.81 9.25
CA ARG A 409 -9.20 15.71 10.33
C ARG A 409 -9.71 17.08 9.89
N SER A 410 -9.54 17.46 8.63
CA SER A 410 -10.05 18.76 8.15
C SER A 410 -11.55 18.65 7.98
N LEU A 411 -12.30 18.97 9.04
CA LEU A 411 -13.73 18.69 9.06
C LEU A 411 -14.52 19.66 8.19
N PHE A 412 -14.07 20.90 8.05
CA PHE A 412 -14.78 21.94 7.32
C PHE A 412 -13.89 22.58 6.27
N ARG A 413 -14.55 23.20 5.29
CA ARG A 413 -13.86 24.08 4.34
C ARG A 413 -13.36 25.34 5.04
N GLN A 414 -12.29 25.91 4.49
CA GLN A 414 -11.52 26.93 5.18
C GLN A 414 -12.09 28.33 5.02
N ASN A 415 -12.47 28.71 3.80
CA ASN A 415 -12.98 30.07 3.55
C ASN A 415 -14.47 30.15 3.90
N PRO A 416 -14.92 31.14 4.67
CA PRO A 416 -16.36 31.32 4.85
C PRO A 416 -17.02 31.88 3.59
N GLN A 417 -18.13 31.26 3.21
CA GLN A 417 -18.89 31.63 2.03
C GLN A 417 -20.01 32.59 2.44
N LYS A 418 -20.94 32.84 1.51
CA LYS A 418 -22.03 33.80 1.71
C LYS A 418 -22.80 33.54 3.01
N ASP A 419 -23.13 34.61 3.71
CA ASP A 419 -23.70 34.59 5.05
C ASP A 419 -22.82 33.87 6.08
N GLY A 420 -21.53 33.70 5.79
CA GLY A 420 -20.59 33.17 6.77
C GLY A 420 -20.59 31.67 6.93
N VAL A 421 -21.33 30.93 6.10
CA VAL A 421 -21.35 29.48 6.19
C VAL A 421 -19.96 28.93 5.83
N ARG A 422 -19.58 27.85 6.49
CA ARG A 422 -18.46 27.00 6.06
C ARG A 422 -18.97 25.57 5.82
N PRO A 423 -19.00 25.05 4.59
CA PRO A 423 -19.47 23.68 4.39
C PRO A 423 -18.53 22.66 5.02
N ARG A 424 -19.12 21.55 5.48
CA ARG A 424 -18.30 20.45 5.98
C ARG A 424 -17.57 19.76 4.83
N PHE A 425 -16.42 19.16 5.19
CA PHE A 425 -15.49 18.59 4.21
C PHE A 425 -15.06 17.17 4.53
N GLY A 426 -14.25 17.00 5.58
CA GLY A 426 -13.54 15.77 5.84
C GLY A 426 -14.02 14.99 7.06
N GLY A 427 -13.19 14.01 7.44
CA GLY A 427 -13.50 13.01 8.45
C GLY A 427 -13.63 11.64 7.84
N THR A 428 -12.95 10.63 8.40
CA THR A 428 -13.10 9.26 7.94
C THR A 428 -14.24 8.51 8.61
N ALA A 429 -14.74 9.00 9.75
CA ALA A 429 -15.87 8.40 10.44
C ALA A 429 -16.73 9.51 11.00
N ASN A 430 -18.05 9.24 11.06
CA ASN A 430 -19.02 10.23 11.52
C ASN A 430 -20.17 9.57 12.28
N GLY A 431 -19.91 8.45 12.95
CA GLY A 431 -20.92 7.78 13.73
C GLY A 431 -21.90 6.93 12.94
N GLY A 432 -21.81 6.91 11.61
CA GLY A 432 -22.58 6.00 10.81
C GLY A 432 -22.02 4.59 10.84
N PHE A 433 -22.56 3.76 9.96
CA PHE A 433 -22.07 2.39 9.80
C PHE A 433 -20.78 2.34 9.00
N PHE A 434 -20.83 2.80 7.75
CA PHE A 434 -19.66 2.76 6.87
C PHE A 434 -18.60 3.77 7.31
N ARG A 435 -17.35 3.45 6.94
CA ARG A 435 -16.21 4.34 7.14
C ARG A 435 -15.42 4.39 5.83
N LYS A 436 -14.71 5.50 5.61
CA LYS A 436 -14.28 5.85 4.26
C LYS A 436 -13.32 4.83 3.66
N GLY A 437 -12.52 4.15 4.47
CA GLY A 437 -11.64 3.14 3.91
C GLY A 437 -12.32 1.83 3.55
N ASP A 438 -13.57 1.64 3.97
CA ASP A 438 -14.21 0.33 3.87
C ASP A 438 -14.42 -0.08 2.42
N TRP A 439 -14.36 -1.39 2.20
CA TRP A 439 -14.64 -2.00 0.91
C TRP A 439 -16.10 -2.43 0.89
N VAL A 440 -16.84 -2.01 -0.14
CA VAL A 440 -18.29 -2.18 -0.19
C VAL A 440 -18.73 -2.65 -1.57
N GLU A 441 -19.87 -3.34 -1.61
CA GLU A 441 -20.61 -3.63 -2.83
C GLU A 441 -21.89 -2.81 -2.83
N ALA A 442 -22.15 -2.08 -3.92
CA ALA A 442 -23.24 -1.13 -4.01
C ALA A 442 -24.01 -1.34 -5.31
N GLU A 443 -25.32 -1.10 -5.26
CA GLU A 443 -26.20 -1.11 -6.43
C GLU A 443 -26.65 0.31 -6.79
N LYS A 444 -26.59 0.62 -8.08
CA LYS A 444 -27.14 1.85 -8.64
C LYS A 444 -27.58 1.56 -10.08
N ALA A 445 -28.76 2.09 -10.44
CA ALA A 445 -29.33 1.97 -11.78
C ALA A 445 -29.34 0.53 -12.28
N GLY A 446 -29.64 -0.40 -11.37
CA GLY A 446 -29.72 -1.81 -11.70
C GLY A 446 -28.40 -2.51 -11.92
N LYS A 447 -27.26 -1.84 -11.72
CA LYS A 447 -25.94 -2.43 -11.89
C LYS A 447 -25.21 -2.46 -10.55
N VAL A 448 -24.31 -3.45 -10.41
CA VAL A 448 -23.57 -3.69 -9.18
C VAL A 448 -22.15 -3.16 -9.35
N TYR A 449 -21.64 -2.50 -8.31
CA TYR A 449 -20.29 -1.98 -8.27
C TYR A 449 -19.64 -2.39 -6.95
N ARG A 450 -18.38 -2.81 -7.01
CA ARG A 450 -17.53 -2.95 -5.83
C ARG A 450 -16.52 -1.81 -5.79
N GLY A 451 -16.39 -1.18 -4.63
CA GLY A 451 -15.55 -0.01 -4.53
C GLY A 451 -15.30 0.36 -3.08
N TRP A 452 -14.76 1.57 -2.89
CA TRP A 452 -14.34 2.08 -1.60
C TRP A 452 -15.04 3.41 -1.31
N VAL A 453 -15.39 3.60 -0.04
CA VAL A 453 -16.31 4.63 0.42
C VAL A 453 -15.67 6.02 0.38
N CYS A 454 -15.86 6.75 -0.72
CA CYS A 454 -15.37 8.12 -0.80
C CYS A 454 -16.05 9.04 0.22
N GLY A 455 -17.32 8.83 0.54
CA GLY A 455 -18.11 9.81 1.25
C GLY A 455 -19.21 9.20 2.08
N LEU A 456 -19.50 9.85 3.23
CA LEU A 456 -20.32 9.30 4.31
C LEU A 456 -21.70 9.98 4.37
N PRO A 457 -22.77 9.25 4.74
CA PRO A 457 -24.08 9.90 4.92
C PRO A 457 -24.09 11.00 5.97
N THR A 458 -24.90 12.03 5.71
CA THR A 458 -25.07 13.17 6.59
C THR A 458 -26.56 13.54 6.56
N GLU A 459 -27.01 14.26 7.60
CA GLU A 459 -28.42 14.64 7.76
C GLU A 459 -29.02 15.25 6.49
N THR A 460 -28.28 16.12 5.81
CA THR A 460 -28.75 16.64 4.52
C THR A 460 -28.46 15.67 3.38
N THR A 461 -27.21 15.22 3.23
CA THR A 461 -26.78 14.38 2.11
C THR A 461 -26.79 12.92 2.56
N LYS A 462 -27.95 12.28 2.43
CA LYS A 462 -28.14 10.90 2.86
C LYS A 462 -27.69 9.90 1.78
N LEU A 463 -26.46 10.04 1.29
CA LEU A 463 -25.91 9.13 0.29
C LEU A 463 -24.50 8.70 0.69
N VAL A 464 -24.10 7.53 0.20
CA VAL A 464 -22.75 6.99 0.38
C VAL A 464 -21.99 7.19 -0.93
N GLY A 465 -20.88 7.92 -0.88
CA GLY A 465 -20.01 8.06 -2.04
C GLY A 465 -19.04 6.89 -2.10
N VAL A 466 -18.96 6.25 -3.26
CA VAL A 466 -18.06 5.12 -3.51
C VAL A 466 -17.14 5.47 -4.67
N ALA A 467 -15.88 5.03 -4.56
CA ALA A 467 -14.85 5.27 -5.55
C ALA A 467 -14.26 3.95 -6.06
N ASP A 468 -13.74 3.98 -7.28
CA ASP A 468 -13.09 2.83 -7.88
C ASP A 468 -11.66 2.68 -7.36
N ALA A 469 -10.99 1.61 -7.81
CA ALA A 469 -9.65 1.26 -7.31
C ALA A 469 -8.61 2.35 -7.57
N ASP A 470 -8.82 3.22 -8.55
CA ASP A 470 -7.92 4.34 -8.80
C ASP A 470 -8.39 5.64 -8.15
N GLY A 471 -9.38 5.58 -7.27
CA GLY A 471 -9.73 6.72 -6.42
C GLY A 471 -10.72 7.69 -7.02
N LYS A 472 -11.11 7.50 -8.28
CA LYS A 472 -12.15 8.35 -8.87
C LYS A 472 -13.52 7.90 -8.38
N ARG A 473 -14.34 8.87 -7.98
CA ARG A 473 -15.68 8.57 -7.50
C ARG A 473 -16.52 7.93 -8.60
N ILE A 474 -17.15 6.79 -8.28
CA ILE A 474 -18.11 6.18 -9.17
C ILE A 474 -19.43 6.95 -9.11
N GLY A 475 -19.86 7.31 -7.90
CA GLY A 475 -21.08 8.07 -7.73
C GLY A 475 -21.48 8.08 -6.27
N GLN A 476 -22.69 8.58 -6.01
CA GLN A 476 -23.29 8.59 -4.69
C GLN A 476 -24.46 7.62 -4.65
N PHE A 477 -24.53 6.82 -3.60
CA PHE A 477 -25.36 5.63 -3.53
C PHE A 477 -26.33 5.72 -2.34
N SER A 478 -27.51 5.16 -2.53
CA SER A 478 -28.50 5.11 -1.45
C SER A 478 -28.00 4.18 -0.34
N PRO A 479 -27.99 4.61 0.94
CA PRO A 479 -27.42 3.75 1.99
C PRO A 479 -28.10 2.39 2.16
N LYS A 480 -29.31 2.20 1.62
CA LYS A 480 -29.95 0.89 1.67
C LYS A 480 -29.29 -0.10 0.71
N LYS A 481 -28.75 0.38 -0.40
CA LYS A 481 -28.24 -0.45 -1.48
C LYS A 481 -26.76 -0.83 -1.34
N VAL A 482 -26.10 -0.44 -0.27
CA VAL A 482 -24.67 -0.67 -0.08
C VAL A 482 -24.47 -1.74 0.99
N ARG A 483 -23.63 -2.73 0.67
CA ARG A 483 -23.27 -3.82 1.58
C ARG A 483 -21.79 -3.72 1.93
N LEU A 484 -21.47 -3.78 3.22
CA LEU A 484 -20.10 -3.81 3.69
C LEU A 484 -19.46 -5.17 3.42
N LEU A 485 -18.40 -5.19 2.62
CA LEU A 485 -17.61 -6.40 2.39
C LEU A 485 -16.46 -6.52 3.40
N ALA A 486 -15.55 -5.53 3.39
CA ALA A 486 -14.41 -5.52 4.30
C ALA A 486 -14.24 -4.12 4.86
N ARG A 487 -13.91 -4.04 6.15
CA ARG A 487 -13.49 -2.78 6.73
C ARG A 487 -12.14 -2.36 6.15
N SER A 488 -11.82 -1.07 6.36
CA SER A 488 -10.62 -0.43 5.82
C SER A 488 -9.35 -1.23 6.05
N THR A 489 -8.69 -1.60 4.95
CA THR A 489 -7.36 -2.21 4.99
C THR A 489 -6.25 -1.18 4.79
N GLY A 490 -6.58 0.04 4.34
CA GLY A 490 -5.60 1.03 3.95
C GLY A 490 -5.27 1.06 2.47
N PHE A 491 -5.56 -0.01 1.74
CA PHE A 491 -5.25 -0.13 0.32
C PHE A 491 -6.52 -0.44 -0.46
N SER A 492 -6.56 0.05 -1.70
CA SER A 492 -7.36 -0.56 -2.75
C SER A 492 -6.56 -1.65 -3.45
N TRP A 493 -7.21 -2.37 -4.35
CA TRP A 493 -6.54 -3.37 -5.17
C TRP A 493 -7.24 -3.51 -6.51
N LYS A 494 -6.49 -4.01 -7.49
CA LYS A 494 -6.93 -4.08 -8.87
C LYS A 494 -6.09 -5.13 -9.58
N GLU A 495 -6.72 -6.20 -10.06
CA GLU A 495 -6.05 -7.12 -10.97
C GLU A 495 -6.18 -6.60 -12.40
N VAL A 496 -5.08 -6.63 -13.13
CA VAL A 496 -5.04 -6.23 -14.54
C VAL A 496 -5.19 -7.48 -15.39
N ALA A 497 -6.26 -7.55 -16.16
CA ALA A 497 -6.47 -8.64 -17.11
C ALA A 497 -5.46 -8.55 -18.25
MG MG E . 23.95 39.63 5.95
MG MG F . -10.61 13.96 19.37
#